data_6BLR
#
_entry.id   6BLR
#
_cell.length_a   89.736
_cell.length_b   111.379
_cell.length_c   95.275
_cell.angle_alpha   90.00
_cell.angle_beta   90.00
_cell.angle_gamma   90.00
#
_symmetry.space_group_name_H-M   'C 2 2 21'
#
loop_
_entity.id
_entity.type
_entity.pdbx_description
1 polymer 'IAg7 alpha chain'
2 polymer 'H2-Ab1 protein'
3 non-polymer 1,2-ETHANEDIOL
4 water water
#
loop_
_entity_poly.entity_id
_entity_poly.type
_entity_poly.pdbx_seq_one_letter_code
_entity_poly.pdbx_strand_id
1 'polypeptide(L)'
;DIEADHVGFYGTTVYQSPGDIGQYTHEFDGDELFYVDLDKKKTVWRLPEFGQLILFEPQGGLQCIAAEKHNLGILTKRSN
FTPATNEAPQATVFPKSPVLLGQPNTLICFVDNIFPPVINITWLRNSKSVTDGVYETSFLVNRDHSFHKLSYLTFIPSDD
DIYDCKVEHWGLEEPVLKHWEPE
;
A
2 'polypeptide(L)'
;HLVERLYLVCGEEGAGGGSLVGGSGGGSERHFVHQFKGECYFTNGTQRIRLVTRYIYNREEYLRFDSDVGEYRAVTELGR
HSAEYYNKQYLERTRAELDTACRHNYEETEVPTSLRRLEQPNVAISLSRTEALNHHNTLVCSVTDFYPAKIKVRWFRNGQ
EETVGVSSTQLIRNGDWTFQVLVMLEMTPHQGEVYTCHVEHPSLKSPITVEWRAQGGLVPR
;
B
#
loop_
_chem_comp.id
_chem_comp.type
_chem_comp.name
_chem_comp.formula
EDO non-polymer 1,2-ETHANEDIOL 'C2 H6 O2'
#
# COMPACT_ATOMS: atom_id res chain seq x y z
N ASP A 1 -2.50 9.37 -10.88
CA ASP A 1 -2.33 9.86 -12.24
C ASP A 1 -3.24 9.12 -13.24
N ILE A 2 -3.15 7.79 -13.26
CA ILE A 2 -4.02 6.96 -14.09
C ILE A 2 -5.26 6.62 -13.28
N GLU A 3 -6.43 7.05 -13.76
CA GLU A 3 -7.67 6.79 -13.05
C GLU A 3 -8.30 5.48 -13.50
N ALA A 4 -8.84 4.73 -12.55
CA ALA A 4 -9.45 3.45 -12.83
C ALA A 4 -10.35 3.09 -11.64
N ASP A 5 -11.29 2.18 -11.87
CA ASP A 5 -12.10 1.68 -10.75
C ASP A 5 -11.26 0.85 -9.80
N HIS A 6 -10.33 0.06 -10.33
CA HIS A 6 -9.49 -0.81 -9.50
C HIS A 6 -8.12 -0.92 -10.15
N VAL A 7 -7.11 -1.14 -9.31
CA VAL A 7 -5.76 -1.39 -9.82
C VAL A 7 -5.13 -2.55 -9.06
N GLY A 8 -4.61 -3.52 -9.79
CA GLY A 8 -3.84 -4.61 -9.21
C GLY A 8 -2.37 -4.41 -9.51
N PHE A 9 -1.53 -4.63 -8.51
CA PHE A 9 -0.09 -4.72 -8.69
C PHE A 9 0.21 -6.20 -8.61
N TYR A 10 0.46 -6.81 -9.76
CA TYR A 10 0.61 -8.25 -9.86
C TYR A 10 2.06 -8.53 -10.22
N GLY A 11 2.92 -8.12 -9.31
CA GLY A 11 4.29 -7.84 -9.61
C GLY A 11 4.68 -6.50 -9.06
N THR A 12 5.01 -6.48 -7.78
CA THR A 12 5.80 -5.42 -7.17
C THR A 12 7.11 -6.03 -6.67
N THR A 13 8.26 -5.57 -7.21
CA THR A 13 9.56 -6.16 -6.92
C THR A 13 10.57 -5.06 -6.63
N VAL A 14 11.43 -5.30 -5.64
CA VAL A 14 12.56 -4.41 -5.41
C VAL A 14 13.76 -5.26 -4.99
N TYR A 15 14.94 -4.87 -5.47
CA TYR A 15 16.18 -5.53 -5.10
C TYR A 15 17.25 -4.46 -4.95
N GLN A 16 18.19 -4.68 -4.04
CA GLN A 16 19.25 -3.70 -3.85
C GLN A 16 20.57 -4.37 -3.54
N SER A 17 21.64 -3.64 -3.83
CA SER A 17 23.03 -4.07 -3.65
C SER A 17 23.83 -2.90 -3.10
N PRO A 18 24.86 -3.16 -2.27
CA PRO A 18 25.21 -4.48 -1.77
C PRO A 18 24.31 -4.78 -0.58
N GLY A 19 24.35 -6.00 -0.07
CA GLY A 19 23.44 -6.42 0.97
C GLY A 19 22.44 -7.45 0.49
N ASP A 20 22.13 -7.47 -0.81
CA ASP A 20 21.34 -8.55 -1.40
C ASP A 20 19.98 -8.65 -0.70
N ILE A 21 19.28 -7.51 -0.62
CA ILE A 21 18.02 -7.33 0.08
C ILE A 21 16.93 -7.06 -0.95
N GLY A 22 15.77 -7.69 -0.77
CA GLY A 22 14.70 -7.46 -1.73
C GLY A 22 13.40 -8.01 -1.22
N GLN A 23 12.34 -7.76 -1.99
CA GLN A 23 11.03 -8.30 -1.66
C GLN A 23 10.20 -8.42 -2.92
N TYR A 24 9.18 -9.27 -2.83
CA TYR A 24 8.21 -9.45 -3.88
C TYR A 24 6.82 -9.51 -3.27
N THR A 25 5.90 -8.68 -3.78
CA THR A 25 4.55 -8.58 -3.25
C THR A 25 3.55 -8.41 -4.36
N HIS A 26 2.28 -8.73 -4.05
CA HIS A 26 1.13 -8.34 -4.86
C HIS A 26 0.25 -7.43 -4.02
N GLU A 27 -0.43 -6.50 -4.68
CA GLU A 27 -1.37 -5.57 -4.07
C GLU A 27 -2.64 -5.49 -4.89
N PHE A 28 -3.74 -5.19 -4.22
CA PHE A 28 -4.99 -4.86 -4.90
C PHE A 28 -5.62 -3.62 -4.25
N ASP A 29 -5.89 -2.61 -5.07
CA ASP A 29 -6.42 -1.33 -4.60
C ASP A 29 -5.60 -0.78 -3.44
N GLY A 30 -4.28 -0.97 -3.52
CA GLY A 30 -3.35 -0.40 -2.57
C GLY A 30 -3.18 -1.16 -1.27
N ASP A 31 -3.79 -2.33 -1.13
CA ASP A 31 -3.62 -3.16 0.05
C ASP A 31 -2.84 -4.41 -0.32
N GLU A 32 -2.01 -4.87 0.60
CA GLU A 32 -1.12 -5.99 0.31
C GLU A 32 -1.91 -7.30 0.24
N LEU A 33 -1.73 -8.04 -0.84
CA LEU A 33 -2.27 -9.39 -0.93
C LEU A 33 -1.37 -10.41 -0.26
N PHE A 34 -0.08 -10.38 -0.62
CA PHE A 34 0.90 -11.29 -0.04
C PHE A 34 2.29 -10.75 -0.31
N TYR A 35 3.27 -11.33 0.38
CA TYR A 35 4.64 -11.30 -0.09
C TYR A 35 5.12 -12.73 -0.24
N VAL A 36 6.19 -12.90 -1.00
CA VAL A 36 6.82 -14.20 -1.14
C VAL A 36 8.05 -14.24 -0.25
N ASP A 37 8.05 -15.16 0.71
CA ASP A 37 9.22 -15.42 1.53
C ASP A 37 10.23 -16.11 0.61
N LEU A 38 11.24 -15.36 0.16
CA LEU A 38 12.06 -15.83 -0.93
C LEU A 38 12.91 -17.04 -0.52
N ASP A 39 13.45 -17.01 0.70
CA ASP A 39 14.35 -18.07 1.11
C ASP A 39 13.59 -19.35 1.42
N LYS A 40 12.43 -19.22 2.06
CA LYS A 40 11.59 -20.39 2.30
C LYS A 40 10.78 -20.78 1.08
N LYS A 41 10.73 -19.94 0.04
CA LYS A 41 9.97 -20.24 -1.18
C LYS A 41 8.50 -20.43 -0.86
N LYS A 42 7.88 -19.40 -0.26
CA LYS A 42 6.48 -19.59 0.05
C LYS A 42 5.75 -18.27 0.11
N THR A 43 4.47 -18.34 -0.24
CA THR A 43 3.59 -17.20 -0.29
C THR A 43 3.04 -16.92 1.10
N VAL A 44 3.16 -15.68 1.56
CA VAL A 44 2.73 -15.31 2.90
C VAL A 44 1.61 -14.30 2.74
N TRP A 45 0.38 -14.72 2.98
CA TRP A 45 -0.78 -13.89 2.71
C TRP A 45 -0.93 -12.84 3.79
N ARG A 46 -1.30 -11.62 3.37
CA ARG A 46 -1.42 -10.54 4.34
C ARG A 46 -2.51 -10.84 5.36
N LEU A 47 -3.61 -11.42 4.91
CA LEU A 47 -4.62 -11.95 5.78
C LEU A 47 -4.77 -13.44 5.48
N PRO A 48 -4.71 -14.30 6.48
CA PRO A 48 -4.66 -15.75 6.21
C PRO A 48 -5.82 -16.29 5.38
N GLU A 49 -6.99 -15.65 5.39
CA GLU A 49 -8.10 -16.18 4.62
C GLU A 49 -7.88 -16.07 3.11
N PHE A 50 -6.97 -15.19 2.68
CA PHE A 50 -6.75 -14.93 1.24
C PHE A 50 -6.34 -16.19 0.47
N GLY A 51 -5.58 -17.09 1.10
CA GLY A 51 -5.01 -18.23 0.37
C GLY A 51 -5.74 -19.54 0.60
N GLN A 52 -6.97 -19.48 1.10
CA GLN A 52 -7.67 -20.73 1.41
C GLN A 52 -8.04 -21.49 0.14
N LEU A 53 -8.50 -20.79 -0.91
CA LEU A 53 -8.84 -21.45 -2.17
C LEU A 53 -8.07 -20.92 -3.37
N ILE A 54 -7.24 -19.89 -3.19
CA ILE A 54 -6.46 -19.30 -4.26
C ILE A 54 -5.00 -19.59 -3.97
N LEU A 55 -4.24 -19.95 -5.00
CA LEU A 55 -2.82 -20.15 -4.78
C LEU A 55 -2.03 -19.17 -5.62
N PHE A 56 -0.85 -18.81 -5.12
CA PHE A 56 0.15 -18.12 -5.91
C PHE A 56 1.43 -18.94 -5.81
N GLU A 57 1.90 -19.39 -6.95
CA GLU A 57 3.13 -20.16 -6.98
C GLU A 57 4.30 -19.25 -6.64
N PRO A 58 5.01 -19.51 -5.54
CA PRO A 58 6.09 -18.60 -5.12
C PRO A 58 7.22 -18.47 -6.13
N GLN A 59 7.37 -19.44 -7.05
CA GLN A 59 8.41 -19.32 -8.07
C GLN A 59 8.29 -18.03 -8.86
N GLY A 60 7.07 -17.51 -9.02
CA GLY A 60 6.90 -16.26 -9.73
C GLY A 60 7.70 -15.12 -9.13
N GLY A 61 7.68 -15.02 -7.80
CA GLY A 61 8.42 -13.95 -7.15
C GLY A 61 9.91 -14.19 -7.17
N LEU A 62 10.32 -15.46 -7.14
CA LEU A 62 11.72 -15.81 -7.26
C LEU A 62 12.25 -15.44 -8.65
N GLN A 63 11.47 -15.71 -9.69
CA GLN A 63 11.85 -15.29 -11.03
C GLN A 63 12.06 -13.78 -11.11
N CYS A 64 11.11 -13.02 -10.54
CA CYS A 64 11.20 -11.57 -10.61
C CYS A 64 12.39 -11.03 -9.85
N ILE A 65 12.66 -11.58 -8.67
CA ILE A 65 13.85 -11.18 -7.92
C ILE A 65 15.11 -11.50 -8.74
N ALA A 66 15.18 -12.71 -9.30
CA ALA A 66 16.36 -13.05 -10.10
C ALA A 66 16.55 -12.06 -11.25
N ALA A 67 15.45 -11.71 -11.93
CA ALA A 67 15.53 -10.77 -13.04
C ALA A 67 15.96 -9.38 -12.57
N GLU A 68 15.47 -8.95 -11.41
CA GLU A 68 15.83 -7.64 -10.89
C GLU A 68 17.27 -7.58 -10.41
N LYS A 69 17.80 -8.69 -9.89
CA LYS A 69 19.23 -8.73 -9.58
C LYS A 69 20.06 -8.51 -10.83
N HIS A 70 19.71 -9.22 -11.90
CA HIS A 70 20.37 -9.04 -13.17
C HIS A 70 20.18 -7.63 -13.71
N ASN A 71 18.95 -7.09 -13.65
CA ASN A 71 18.69 -5.75 -14.18
C ASN A 71 19.47 -4.70 -13.40
N LEU A 72 19.56 -4.85 -12.08
CA LEU A 72 20.30 -3.87 -11.29
C LEU A 72 21.77 -3.80 -11.72
N GLY A 73 22.39 -4.95 -11.97
CA GLY A 73 23.79 -4.95 -12.37
C GLY A 73 24.02 -4.12 -13.62
N ILE A 74 23.11 -4.24 -14.58
CA ILE A 74 23.23 -3.50 -15.84
C ILE A 74 23.03 -2.02 -15.60
N LEU A 75 21.92 -1.68 -14.97
CA LEU A 75 21.56 -0.28 -14.82
C LEU A 75 22.55 0.46 -13.92
N THR A 76 23.11 -0.23 -12.91
CA THR A 76 24.08 0.43 -12.03
C THR A 76 25.28 0.92 -12.83
N LYS A 77 25.82 0.06 -13.69
CA LYS A 77 26.91 0.46 -14.58
C LYS A 77 26.45 1.53 -15.56
N ARG A 78 25.27 1.34 -16.18
CA ARG A 78 24.81 2.29 -17.19
C ARG A 78 24.68 3.70 -16.60
N SER A 79 24.24 3.80 -15.34
CA SER A 79 24.13 5.07 -14.63
C SER A 79 25.47 5.62 -14.20
N ASN A 80 26.57 4.95 -14.52
CA ASN A 80 27.89 5.33 -14.01
C ASN A 80 27.90 5.23 -12.49
N PHE A 81 27.23 4.22 -11.95
CA PHE A 81 27.20 3.94 -10.52
C PHE A 81 26.63 5.11 -9.72
N THR A 82 25.48 5.60 -10.15
CA THR A 82 24.76 6.62 -9.39
C THR A 82 24.07 5.96 -8.20
N PRO A 83 24.41 6.31 -6.97
CA PRO A 83 23.81 5.62 -5.83
C PRO A 83 22.43 6.18 -5.50
N ALA A 84 21.64 5.32 -4.87
CA ALA A 84 20.37 5.75 -4.30
C ALA A 84 20.59 6.92 -3.38
N THR A 85 19.57 7.76 -3.24
CA THR A 85 19.58 8.84 -2.27
C THR A 85 18.77 8.38 -1.07
N ASN A 86 19.37 8.43 0.12
CA ASN A 86 18.65 8.07 1.33
C ASN A 86 17.62 9.15 1.65
N GLU A 87 16.35 8.76 1.78
CA GLU A 87 15.34 9.73 2.16
C GLU A 87 15.13 9.70 3.66
N ALA A 88 14.60 10.80 4.19
CA ALA A 88 14.22 10.83 5.60
C ALA A 88 12.78 10.36 5.73
N PRO A 89 12.52 9.20 6.34
CA PRO A 89 11.13 8.74 6.46
C PRO A 89 10.33 9.62 7.41
N GLN A 90 9.02 9.57 7.23
CA GLN A 90 8.08 10.34 8.02
C GLN A 90 7.09 9.39 8.69
N ALA A 91 6.95 9.51 10.01
CA ALA A 91 6.10 8.62 10.79
C ALA A 91 4.87 9.37 11.31
N THR A 92 3.74 8.68 11.33
CA THR A 92 2.54 9.16 12.02
C THR A 92 1.91 7.99 12.75
N VAL A 93 1.47 8.19 13.98
CA VAL A 93 0.77 7.11 14.65
C VAL A 93 -0.63 7.56 15.02
N PHE A 94 -1.58 6.66 14.82
CA PHE A 94 -3.00 6.95 15.00
C PHE A 94 -3.68 5.65 15.38
N PRO A 95 -4.82 5.72 16.05
CA PRO A 95 -5.52 4.51 16.46
C PRO A 95 -6.41 3.98 15.35
N LYS A 96 -6.58 2.66 15.35
CA LYS A 96 -7.49 1.99 14.40
C LYS A 96 -8.96 2.39 14.64
N SER A 97 -9.35 2.56 15.89
CA SER A 97 -10.73 2.82 16.22
C SER A 97 -10.74 3.92 17.27
N PRO A 98 -11.88 4.56 17.56
CA PRO A 98 -11.87 5.64 18.54
C PRO A 98 -11.40 5.16 19.90
N VAL A 99 -10.58 5.99 20.53
CA VAL A 99 -9.99 5.67 21.82
C VAL A 99 -11.05 5.79 22.90
N LEU A 100 -11.28 4.69 23.63
CA LEU A 100 -12.20 4.66 24.77
C LEU A 100 -11.55 3.87 25.89
N LEU A 101 -11.51 4.46 27.09
CA LEU A 101 -10.90 3.82 28.26
C LEU A 101 -11.34 2.37 28.38
N GLY A 102 -10.36 1.45 28.40
CA GLY A 102 -10.59 0.04 28.65
C GLY A 102 -10.99 -0.79 27.45
N GLN A 103 -11.17 -0.18 26.26
CA GLN A 103 -11.74 -0.88 25.12
C GLN A 103 -10.64 -1.23 24.13
N PRO A 104 -10.52 -2.50 23.74
CA PRO A 104 -9.36 -2.93 22.96
C PRO A 104 -9.23 -2.16 21.64
N ASN A 105 -7.99 -1.84 21.28
CA ASN A 105 -7.71 -0.95 20.15
C ASN A 105 -6.35 -1.36 19.57
N THR A 106 -5.97 -0.70 18.48
CA THR A 106 -4.67 -0.93 17.87
C THR A 106 -4.05 0.41 17.50
N LEU A 107 -2.81 0.65 17.93
CA LEU A 107 -2.05 1.79 17.44
C LEU A 107 -1.39 1.41 16.13
N ILE A 108 -1.48 2.31 15.15
CA ILE A 108 -0.90 2.09 13.84
C ILE A 108 0.20 3.12 13.64
N CYS A 109 1.40 2.64 13.32
CA CYS A 109 2.52 3.51 12.98
C CYS A 109 2.70 3.45 11.47
N PHE A 110 2.30 4.53 10.80
CA PHE A 110 2.40 4.68 9.35
C PHE A 110 3.68 5.43 9.02
N VAL A 111 4.57 4.78 8.27
CA VAL A 111 5.88 5.33 7.97
C VAL A 111 5.96 5.46 6.46
N ASP A 112 6.19 6.69 5.99
CA ASP A 112 6.14 7.06 4.58
C ASP A 112 7.50 7.59 4.16
N ASN A 113 7.64 7.86 2.85
CA ASN A 113 8.91 8.35 2.27
C ASN A 113 10.08 7.44 2.62
N ILE A 114 9.88 6.13 2.49
CA ILE A 114 10.93 5.16 2.81
C ILE A 114 11.72 4.86 1.55
N PHE A 115 13.03 5.15 1.57
CA PHE A 115 13.89 4.77 0.47
C PHE A 115 15.35 4.91 0.86
N PRO A 116 16.20 3.89 0.66
CA PRO A 116 15.88 2.53 0.18
C PRO A 116 14.94 1.79 1.14
N PRO A 117 14.35 0.65 0.71
CA PRO A 117 13.42 -0.09 1.59
C PRO A 117 14.15 -1.02 2.55
N VAL A 118 14.79 -0.40 3.54
CA VAL A 118 15.38 -1.06 4.70
C VAL A 118 15.13 -0.14 5.87
N ILE A 119 14.53 -0.66 6.95
CA ILE A 119 14.08 0.19 8.03
C ILE A 119 13.87 -0.68 9.26
N ASN A 120 13.92 -0.07 10.44
CA ASN A 120 13.43 -0.72 11.65
C ASN A 120 12.38 0.16 12.28
N ILE A 121 11.18 -0.40 12.47
CA ILE A 121 10.10 0.26 13.17
C ILE A 121 9.82 -0.52 14.44
N THR A 122 9.90 0.14 15.59
CA THR A 122 9.60 -0.57 16.82
C THR A 122 8.74 0.31 17.72
N TRP A 123 8.21 -0.31 18.77
CA TRP A 123 7.26 0.31 19.67
C TRP A 123 7.82 0.41 21.08
N LEU A 124 7.47 1.50 21.75
CA LEU A 124 7.77 1.67 23.16
C LEU A 124 6.49 2.04 23.89
N ARG A 125 6.33 1.49 25.09
CA ARG A 125 5.33 1.97 26.03
C ARG A 125 6.04 2.36 27.32
N ASN A 126 5.75 3.56 27.82
CA ASN A 126 6.48 4.14 28.95
C ASN A 126 7.99 4.03 28.72
N SER A 127 8.38 4.27 27.47
CA SER A 127 9.78 4.28 27.03
C SER A 127 10.47 2.94 27.25
N LYS A 128 9.70 1.86 27.28
CA LYS A 128 10.27 0.52 27.31
C LYS A 128 9.81 -0.26 26.09
N SER A 129 10.73 -1.01 25.51
CA SER A 129 10.43 -1.84 24.35
C SER A 129 9.21 -2.73 24.57
N VAL A 130 8.32 -2.73 23.59
CA VAL A 130 7.17 -3.64 23.56
C VAL A 130 7.21 -4.35 22.22
N THR A 131 7.38 -5.68 22.24
CA THR A 131 7.44 -6.46 21.02
C THR A 131 6.34 -7.50 20.89
N ASP A 132 5.67 -7.86 21.99
CA ASP A 132 4.63 -8.89 21.94
C ASP A 132 3.49 -8.46 21.03
N GLY A 133 3.11 -9.32 20.09
CA GLY A 133 1.96 -9.12 19.24
C GLY A 133 2.12 -8.08 18.14
N VAL A 134 3.27 -7.43 18.05
CA VAL A 134 3.51 -6.43 17.02
C VAL A 134 3.59 -7.08 15.65
N TYR A 135 2.93 -6.47 14.66
CA TYR A 135 2.91 -6.95 13.29
C TYR A 135 3.33 -5.79 12.40
N GLU A 136 3.99 -6.09 11.28
CA GLU A 136 4.27 -5.02 10.32
C GLU A 136 4.04 -5.51 8.90
N THR A 137 3.63 -4.58 8.05
CA THR A 137 3.38 -4.88 6.64
C THR A 137 4.70 -5.10 5.90
N SER A 138 4.60 -5.59 4.67
CA SER A 138 5.73 -5.46 3.75
C SER A 138 5.91 -3.98 3.40
N PHE A 139 6.95 -3.69 2.62
CA PHE A 139 7.09 -2.36 2.02
C PHE A 139 6.05 -2.22 0.93
N LEU A 140 5.20 -1.20 1.05
CA LEU A 140 4.13 -0.93 0.08
C LEU A 140 4.60 0.19 -0.83
N VAL A 141 4.31 0.07 -2.13
CA VAL A 141 4.86 0.97 -3.13
C VAL A 141 4.10 2.28 -3.15
N ASN A 142 4.84 3.36 -3.43
CA ASN A 142 4.31 4.70 -3.67
C ASN A 142 4.50 5.07 -5.14
N ARG A 143 3.64 5.96 -5.65
CA ARG A 143 3.72 6.35 -7.05
C ARG A 143 5.07 6.96 -7.40
N ASP A 144 5.73 7.59 -6.43
CA ASP A 144 7.01 8.22 -6.71
C ASP A 144 8.18 7.27 -6.51
N HIS A 145 7.90 5.97 -6.29
CA HIS A 145 8.85 4.87 -6.21
C HIS A 145 9.62 4.87 -4.89
N SER A 146 9.17 5.62 -3.90
CA SER A 146 9.56 5.37 -2.52
C SER A 146 8.59 4.32 -1.95
N PHE A 147 8.64 4.09 -0.65
CA PHE A 147 7.81 3.08 -0.02
C PHE A 147 7.17 3.63 1.24
N HIS A 148 6.13 2.92 1.69
CA HIS A 148 5.65 3.09 3.04
C HIS A 148 5.46 1.72 3.68
N LYS A 149 5.35 1.74 5.00
CA LYS A 149 5.18 0.54 5.79
C LYS A 149 4.39 0.91 7.04
N LEU A 150 3.56 -0.03 7.51
CA LEU A 150 2.83 0.18 8.76
C LEU A 150 3.19 -0.90 9.77
N SER A 151 3.28 -0.48 11.03
CA SER A 151 3.39 -1.38 12.16
C SER A 151 2.18 -1.22 13.06
N TYR A 152 1.81 -2.30 13.76
CA TYR A 152 0.58 -2.37 14.54
C TYR A 152 0.87 -2.88 15.94
N LEU A 153 0.29 -2.22 16.94
CA LEU A 153 0.48 -2.58 18.34
C LEU A 153 -0.87 -2.61 19.02
N THR A 154 -1.33 -3.80 19.44
CA THR A 154 -2.58 -3.86 20.18
C THR A 154 -2.39 -3.24 21.55
N PHE A 155 -3.41 -2.54 22.05
CA PHE A 155 -3.33 -1.90 23.35
C PHE A 155 -4.73 -1.68 23.90
N ILE A 156 -4.78 -1.43 25.21
CA ILE A 156 -6.00 -1.04 25.90
C ILE A 156 -5.81 0.39 26.38
N PRO A 157 -6.57 1.36 25.86
CA PRO A 157 -6.39 2.76 26.29
C PRO A 157 -6.52 2.90 27.79
N SER A 158 -5.72 3.81 28.36
CA SER A 158 -5.64 3.94 29.81
C SER A 158 -5.49 5.42 30.17
N ASP A 159 -5.24 5.65 31.46
CA ASP A 159 -5.18 6.99 32.02
C ASP A 159 -4.06 7.81 31.40
N ASP A 160 -2.84 7.28 31.45
CA ASP A 160 -1.63 7.95 30.95
C ASP A 160 -1.00 7.03 29.93
N ASP A 161 -1.51 7.08 28.71
CA ASP A 161 -0.94 6.29 27.62
C ASP A 161 0.29 7.01 27.08
N ILE A 162 1.44 6.35 27.19
CA ILE A 162 2.69 6.89 26.66
C ILE A 162 3.24 5.85 25.69
N TYR A 163 2.95 6.06 24.40
CA TYR A 163 3.37 5.15 23.35
C TYR A 163 4.20 5.92 22.34
N ASP A 164 5.27 5.27 21.86
CA ASP A 164 6.17 5.84 20.86
C ASP A 164 6.40 4.82 19.76
N CYS A 165 6.56 5.31 18.54
CA CYS A 165 6.98 4.51 17.41
C CYS A 165 8.37 4.97 17.02
N LYS A 166 9.35 4.07 17.09
CA LYS A 166 10.75 4.39 16.83
C LYS A 166 11.13 3.92 15.43
N VAL A 167 11.71 4.81 14.65
CA VAL A 167 12.07 4.49 13.27
C VAL A 167 13.55 4.73 13.08
N GLU A 168 14.26 3.71 12.61
CA GLU A 168 15.67 3.83 12.29
C GLU A 168 15.81 3.64 10.79
N HIS A 169 16.60 4.50 10.16
CA HIS A 169 16.79 4.46 8.71
C HIS A 169 18.10 5.15 8.37
N TRP A 170 18.75 4.68 7.30
CA TRP A 170 20.02 5.29 6.89
C TRP A 170 19.86 6.77 6.58
N GLY A 171 18.65 7.19 6.19
CA GLY A 171 18.34 8.58 5.90
C GLY A 171 18.12 9.46 7.10
N LEU A 172 18.30 8.92 8.31
CA LEU A 172 18.16 9.67 9.56
C LEU A 172 19.47 9.67 10.31
N GLU A 173 19.91 10.85 10.74
CA GLU A 173 21.09 10.93 11.59
C GLU A 173 20.81 10.32 12.96
N GLU A 174 19.66 10.69 13.57
CA GLU A 174 19.16 10.12 14.81
C GLU A 174 17.88 9.35 14.55
N PRO A 175 17.59 8.31 15.33
CA PRO A 175 16.27 7.67 15.19
C PRO A 175 15.16 8.67 15.49
N VAL A 176 14.09 8.61 14.71
CA VAL A 176 12.92 9.40 15.03
C VAL A 176 12.11 8.63 16.08
N LEU A 177 11.77 9.32 17.16
CA LEU A 177 10.89 8.77 18.19
C LEU A 177 9.57 9.52 18.03
N LYS A 178 8.60 8.87 17.40
CA LYS A 178 7.32 9.52 17.11
C LYS A 178 6.33 9.21 18.22
N HIS A 179 5.95 10.25 18.95
CA HIS A 179 5.04 10.08 20.08
C HIS A 179 3.59 10.03 19.61
N TRP A 180 2.80 9.16 20.23
CA TRP A 180 1.37 9.15 19.97
C TRP A 180 0.69 10.16 20.88
N GLU A 181 -0.06 11.07 20.28
CA GLU A 181 -0.78 12.03 21.09
C GLU A 181 -2.22 11.54 21.20
N PRO A 182 -2.67 11.08 22.38
CA PRO A 182 -4.03 10.53 22.52
C PRO A 182 -5.13 11.55 22.30
N LEU B 2 -8.05 -25.54 -6.70
CA LEU B 2 -7.49 -24.24 -6.33
C LEU B 2 -7.12 -23.45 -7.58
N VAL B 3 -7.88 -22.41 -7.90
CA VAL B 3 -7.49 -21.57 -9.02
C VAL B 3 -6.34 -20.69 -8.54
N GLU B 4 -5.65 -20.05 -9.47
CA GLU B 4 -4.30 -19.54 -9.26
C GLU B 4 -4.21 -18.07 -9.63
N ARG B 5 -3.61 -17.26 -8.76
CA ARG B 5 -3.20 -15.91 -9.15
C ARG B 5 -1.96 -16.00 -10.03
N LEU B 6 -1.95 -15.23 -11.10
CA LEU B 6 -0.81 -15.23 -11.98
C LEU B 6 -0.04 -13.92 -11.80
N TYR B 7 1.11 -13.83 -12.46
CA TYR B 7 1.93 -12.65 -12.29
C TYR B 7 2.45 -12.18 -13.64
N LEU B 8 2.94 -10.95 -13.62
CA LEU B 8 3.57 -10.33 -14.78
C LEU B 8 5.07 -10.60 -14.69
N VAL B 9 5.61 -11.27 -15.71
CA VAL B 9 6.99 -11.70 -15.67
C VAL B 9 7.92 -10.50 -15.78
N CYS B 10 8.96 -10.47 -14.94
N CYS B 10 8.99 -10.53 -14.99
CA CYS B 10 9.98 -9.44 -15.04
CA CYS B 10 10.00 -9.48 -15.00
C CYS B 10 10.92 -9.79 -16.18
C CYS B 10 10.99 -9.75 -16.14
N GLY B 11 11.04 -8.87 -17.14
CA GLY B 11 11.97 -9.07 -18.24
C GLY B 11 13.38 -8.63 -17.87
N GLU B 12 14.37 -9.37 -18.37
CA GLU B 12 15.78 -9.12 -18.11
C GLU B 12 16.39 -8.29 -19.23
N GLU B 13 17.26 -7.37 -18.84
CA GLU B 13 18.16 -6.73 -19.80
C GLU B 13 18.98 -7.78 -20.56
N GLY B 14 19.31 -7.44 -21.80
CA GLY B 14 20.17 -8.28 -22.63
C GLY B 14 21.59 -7.85 -22.34
N ALA B 15 22.22 -8.53 -21.40
CA ALA B 15 23.15 -7.79 -20.59
C ALA B 15 24.60 -7.89 -21.07
N GLY B 16 25.48 -8.82 -20.63
CA GLY B 16 25.33 -9.84 -19.60
C GLY B 16 25.66 -9.31 -18.21
N GLY B 17 26.17 -8.09 -18.12
CA GLY B 17 26.57 -7.54 -16.84
C GLY B 17 27.99 -7.90 -16.44
N GLY B 18 28.26 -7.90 -15.14
CA GLY B 18 29.58 -8.25 -14.61
C GLY B 18 30.22 -7.17 -13.76
N SER B 19 29.70 -5.94 -13.74
CA SER B 19 30.26 -4.88 -12.91
C SER B 19 29.83 -5.04 -11.47
N LEU B 20 30.70 -4.59 -10.55
CA LEU B 20 30.50 -4.81 -9.13
C LEU B 20 30.47 -3.48 -8.38
N VAL B 21 29.61 -3.39 -7.36
CA VAL B 21 29.51 -2.15 -6.61
C VAL B 21 30.36 -2.26 -5.35
N GLY B 22 30.48 -3.48 -4.81
CA GLY B 22 31.34 -3.71 -3.67
C GLY B 22 32.81 -3.47 -3.99
N GLU B 29 28.54 3.03 2.51
CA GLU B 29 27.26 3.70 2.72
C GLU B 29 26.54 3.96 1.40
N ARG B 30 27.03 3.36 0.32
CA ARG B 30 26.39 3.43 -0.99
C ARG B 30 25.48 2.23 -1.21
N HIS B 31 24.28 2.48 -1.70
CA HIS B 31 23.41 1.39 -2.13
C HIS B 31 22.80 1.73 -3.48
N PHE B 32 22.37 0.68 -4.18
CA PHE B 32 21.83 0.79 -5.52
C PHE B 32 20.57 -0.06 -5.56
N VAL B 33 19.50 0.47 -6.14
CA VAL B 33 18.18 -0.13 -6.03
C VAL B 33 17.58 -0.30 -7.42
N HIS B 34 16.91 -1.42 -7.64
CA HIS B 34 16.14 -1.58 -8.86
C HIS B 34 14.72 -2.03 -8.49
N GLN B 35 13.75 -1.59 -9.28
CA GLN B 35 12.36 -1.95 -9.02
C GLN B 35 11.66 -2.39 -10.29
N PHE B 36 10.68 -3.28 -10.12
CA PHE B 36 9.76 -3.62 -11.18
C PHE B 36 8.35 -3.48 -10.62
N LYS B 37 7.45 -2.90 -11.43
CA LYS B 37 6.06 -2.78 -11.04
C LYS B 37 5.19 -3.22 -12.22
N GLY B 38 4.36 -4.23 -11.99
CA GLY B 38 3.39 -4.65 -12.97
C GLY B 38 1.99 -4.28 -12.56
N GLU B 39 1.37 -3.35 -13.30
CA GLU B 39 0.16 -2.68 -12.87
C GLU B 39 -0.97 -2.98 -13.84
N CYS B 40 -2.10 -3.43 -13.31
CA CYS B 40 -3.31 -3.70 -14.07
C CYS B 40 -4.40 -2.74 -13.63
N TYR B 41 -4.89 -1.91 -14.55
CA TYR B 41 -5.95 -0.94 -14.25
C TYR B 41 -7.26 -1.44 -14.85
N PHE B 42 -8.31 -1.47 -14.04
CA PHE B 42 -9.61 -2.01 -14.43
C PHE B 42 -10.67 -0.94 -14.28
N THR B 43 -11.54 -0.80 -15.28
CA THR B 43 -12.70 0.08 -15.17
C THR B 43 -13.92 -0.62 -15.75
N ASN B 44 -15.04 -0.53 -15.03
CA ASN B 44 -16.29 -1.21 -15.38
C ASN B 44 -16.04 -2.70 -15.62
N GLY B 45 -15.78 -3.38 -14.51
CA GLY B 45 -15.39 -4.77 -14.62
C GLY B 45 -14.09 -4.89 -15.38
N THR B 46 -14.01 -5.90 -16.24
CA THR B 46 -12.88 -6.04 -17.15
C THR B 46 -13.17 -5.47 -18.53
N GLN B 47 -14.18 -4.58 -18.65
CA GLN B 47 -14.54 -4.07 -19.97
C GLN B 47 -13.40 -3.26 -20.58
N ARG B 48 -12.63 -2.53 -19.74
CA ARG B 48 -11.39 -1.92 -20.20
CA ARG B 48 -11.38 -1.95 -20.22
C ARG B 48 -10.29 -2.16 -19.18
N ILE B 49 -9.21 -2.77 -19.64
CA ILE B 49 -8.04 -3.09 -18.84
C ILE B 49 -6.87 -2.35 -19.46
N ARG B 50 -6.05 -1.72 -18.62
CA ARG B 50 -4.80 -1.13 -19.08
C ARG B 50 -3.64 -1.73 -18.29
N LEU B 51 -2.66 -2.28 -19.00
CA LEU B 51 -1.49 -2.86 -18.36
C LEU B 51 -0.33 -1.90 -18.51
N VAL B 52 0.31 -1.57 -17.39
CA VAL B 52 1.51 -0.75 -17.36
C VAL B 52 2.55 -1.50 -16.55
N THR B 53 3.71 -1.77 -17.16
CA THR B 53 4.84 -2.33 -16.43
C THR B 53 5.93 -1.28 -16.40
N ARG B 54 6.59 -1.14 -15.25
CA ARG B 54 7.59 -0.11 -15.04
C ARG B 54 8.89 -0.75 -14.57
N TYR B 55 9.99 -0.32 -15.18
CA TYR B 55 11.34 -0.71 -14.77
C TYR B 55 12.03 0.54 -14.25
N ILE B 56 12.54 0.46 -13.02
CA ILE B 56 12.93 1.63 -12.25
C ILE B 56 14.33 1.40 -11.70
N TYR B 57 15.21 2.38 -11.91
CA TYR B 57 16.53 2.35 -11.30
C TYR B 57 16.55 3.41 -10.21
N ASN B 58 16.77 2.98 -8.97
CA ASN B 58 16.62 3.80 -7.78
C ASN B 58 15.19 4.35 -7.76
N ARG B 59 14.99 5.62 -8.10
CA ARG B 59 13.64 6.17 -8.17
C ARG B 59 13.25 6.57 -9.59
N GLU B 60 14.12 6.37 -10.57
CA GLU B 60 13.90 6.84 -11.93
C GLU B 60 13.30 5.71 -12.77
N GLU B 61 12.02 5.83 -13.11
CA GLU B 61 11.44 4.95 -14.11
C GLU B 61 12.07 5.24 -15.47
N TYR B 62 12.77 4.26 -16.02
CA TYR B 62 13.47 4.49 -17.28
C TYR B 62 12.89 3.71 -18.44
N LEU B 63 12.04 2.73 -18.19
CA LEU B 63 11.49 1.89 -19.25
C LEU B 63 10.09 1.47 -18.85
N ARG B 64 9.15 1.52 -19.81
CA ARG B 64 7.75 1.23 -19.49
C ARG B 64 7.07 0.54 -20.66
N PHE B 65 6.30 -0.51 -20.34
CA PHE B 65 5.32 -1.02 -21.28
C PHE B 65 3.96 -0.49 -20.88
N ASP B 66 3.24 0.08 -21.84
CA ASP B 66 1.89 0.59 -21.64
C ASP B 66 1.03 0.00 -22.75
N SER B 67 0.03 -0.79 -22.37
CA SER B 67 -0.80 -1.43 -23.38
C SER B 67 -1.62 -0.42 -24.19
N ASP B 68 -1.88 0.76 -23.64
CA ASP B 68 -2.51 1.81 -24.43
C ASP B 68 -1.58 2.29 -25.53
N VAL B 69 -0.27 2.23 -25.28
CA VAL B 69 0.75 2.59 -26.25
C VAL B 69 1.03 1.43 -27.20
N GLY B 70 1.08 0.20 -26.68
CA GLY B 70 1.25 -0.99 -27.50
C GLY B 70 2.62 -1.64 -27.44
N GLU B 71 3.63 -0.94 -26.92
CA GLU B 71 4.98 -1.52 -26.89
C GLU B 71 5.77 -0.86 -25.78
N TYR B 72 7.01 -1.32 -25.60
CA TYR B 72 7.91 -0.70 -24.64
C TYR B 72 8.46 0.60 -25.18
N ARG B 73 8.54 1.62 -24.33
CA ARG B 73 9.16 2.88 -24.68
C ARG B 73 10.10 3.30 -23.57
N ALA B 74 11.25 3.88 -23.95
CA ALA B 74 12.13 4.50 -22.98
C ALA B 74 11.43 5.69 -22.33
N VAL B 75 11.40 5.72 -21.01
CA VAL B 75 10.81 6.85 -20.30
C VAL B 75 11.83 7.97 -20.09
N THR B 76 13.08 7.61 -19.87
CA THR B 76 14.17 8.56 -19.77
C THR B 76 15.28 8.06 -20.69
N GLU B 77 16.33 8.89 -20.82
CA GLU B 77 17.48 8.49 -21.63
C GLU B 77 18.12 7.19 -21.11
N LEU B 78 18.11 6.99 -19.79
CA LEU B 78 18.66 5.78 -19.20
C LEU B 78 18.06 4.52 -19.80
N GLY B 79 16.85 4.60 -20.35
CA GLY B 79 16.20 3.45 -20.93
C GLY B 79 16.31 3.31 -22.44
N ARG B 80 17.04 4.21 -23.11
CA ARG B 80 17.09 4.23 -24.57
C ARG B 80 17.41 2.85 -25.15
N HIS B 81 18.52 2.26 -24.72
CA HIS B 81 18.91 0.95 -25.26
C HIS B 81 17.98 -0.17 -24.79
N SER B 82 17.35 -0.01 -23.63
CA SER B 82 16.51 -1.06 -23.08
C SER B 82 15.29 -1.33 -23.96
N ALA B 83 14.65 -0.27 -24.47
CA ALA B 83 13.38 -0.43 -25.17
C ALA B 83 13.51 -1.34 -26.39
N GLU B 84 14.52 -1.10 -27.23
CA GLU B 84 14.68 -1.91 -28.44
C GLU B 84 14.77 -3.39 -28.11
N TYR B 85 15.59 -3.73 -27.12
CA TYR B 85 15.74 -5.13 -26.71
C TYR B 85 14.43 -5.70 -26.16
N TYR B 86 13.72 -4.94 -25.31
CA TYR B 86 12.52 -5.51 -24.70
C TYR B 86 11.44 -5.73 -25.75
N ASN B 87 11.36 -4.83 -26.74
CA ASN B 87 10.39 -5.00 -27.82
C ASN B 87 10.67 -6.25 -28.66
N LYS B 88 11.93 -6.59 -28.89
CA LYS B 88 12.20 -7.76 -29.72
C LYS B 88 12.07 -9.05 -28.91
N GLN B 89 12.38 -9.02 -27.62
CA GLN B 89 12.34 -10.24 -26.81
C GLN B 89 11.01 -10.50 -26.12
N TYR B 90 10.35 -9.46 -25.62
CA TYR B 90 9.25 -9.69 -24.68
C TYR B 90 7.91 -9.10 -25.11
N LEU B 91 7.84 -8.42 -26.27
CA LEU B 91 6.64 -7.66 -26.60
C LEU B 91 5.41 -8.54 -26.69
N GLU B 92 5.50 -9.66 -27.40
CA GLU B 92 4.31 -10.47 -27.65
C GLU B 92 3.79 -11.10 -26.36
N ARG B 93 4.67 -11.54 -25.49
CA ARG B 93 4.17 -12.13 -24.27
C ARG B 93 3.72 -11.07 -23.27
N THR B 94 4.29 -9.87 -23.31
CA THR B 94 3.80 -8.79 -22.45
C THR B 94 2.40 -8.36 -22.87
N ARG B 95 2.19 -8.14 -24.19
CA ARG B 95 0.85 -7.85 -24.70
C ARG B 95 -0.15 -8.90 -24.23
N ALA B 96 0.21 -10.18 -24.34
CA ALA B 96 -0.71 -11.26 -23.96
C ALA B 96 -1.08 -11.22 -22.50
N GLU B 97 -0.22 -10.65 -21.65
CA GLU B 97 -0.47 -10.65 -20.21
C GLU B 97 -1.63 -9.78 -19.80
N LEU B 98 -2.06 -8.86 -20.65
CA LEU B 98 -3.29 -8.13 -20.36
C LEU B 98 -4.45 -9.10 -20.16
N ASP B 99 -4.49 -10.17 -20.95
CA ASP B 99 -5.54 -11.18 -20.82
C ASP B 99 -5.14 -12.26 -19.82
N THR B 100 -3.92 -12.79 -19.94
CA THR B 100 -3.55 -13.97 -19.17
C THR B 100 -3.15 -13.65 -17.74
N ALA B 101 -2.83 -12.40 -17.43
CA ALA B 101 -2.56 -12.01 -16.05
C ALA B 101 -3.57 -11.02 -15.50
N CYS B 102 -3.79 -9.89 -16.17
CA CYS B 102 -4.70 -8.87 -15.63
C CYS B 102 -6.13 -9.38 -15.57
N ARG B 103 -6.67 -9.79 -16.73
CA ARG B 103 -8.07 -10.20 -16.79
C ARG B 103 -8.31 -11.45 -15.95
N HIS B 104 -7.43 -12.46 -16.08
CA HIS B 104 -7.58 -13.68 -15.30
C HIS B 104 -7.60 -13.38 -13.81
N ASN B 105 -6.66 -12.57 -13.33
CA ASN B 105 -6.61 -12.29 -11.89
C ASN B 105 -7.87 -11.59 -11.43
N TYR B 106 -8.39 -10.65 -12.22
CA TYR B 106 -9.59 -9.94 -11.81
C TYR B 106 -10.78 -10.89 -11.79
N GLU B 107 -10.96 -11.65 -12.86
CA GLU B 107 -12.17 -12.43 -13.03
C GLU B 107 -12.16 -13.67 -12.15
N GLU B 108 -11.01 -14.30 -12.00
CA GLU B 108 -10.96 -15.57 -11.29
C GLU B 108 -10.50 -15.43 -9.84
N THR B 109 -9.83 -14.35 -9.46
CA THR B 109 -9.34 -14.28 -8.08
C THR B 109 -9.84 -13.07 -7.31
N GLU B 110 -9.98 -11.90 -7.95
CA GLU B 110 -10.49 -10.74 -7.24
C GLU B 110 -12.02 -10.82 -7.08
N VAL B 111 -12.71 -11.26 -8.12
CA VAL B 111 -14.17 -11.43 -8.01
C VAL B 111 -14.55 -12.31 -6.81
N PRO B 112 -13.92 -13.45 -6.56
CA PRO B 112 -14.29 -14.21 -5.36
C PRO B 112 -13.67 -13.73 -4.06
N THR B 113 -12.73 -12.78 -4.05
CA THR B 113 -12.14 -12.34 -2.78
C THR B 113 -12.28 -10.82 -2.57
N SER B 114 -11.31 -10.04 -3.05
CA SER B 114 -11.30 -8.60 -2.81
C SER B 114 -12.60 -7.91 -3.18
N LEU B 115 -13.18 -8.27 -4.33
CA LEU B 115 -14.35 -7.51 -4.79
C LEU B 115 -15.63 -7.91 -4.06
N ARG B 116 -15.64 -9.04 -3.37
CA ARG B 116 -16.78 -9.45 -2.56
C ARG B 116 -16.64 -9.07 -1.11
N ARG B 117 -15.44 -8.65 -0.68
N ARG B 117 -15.44 -8.65 -0.68
CA ARG B 117 -15.18 -8.33 0.72
CA ARG B 117 -15.19 -8.34 0.71
C ARG B 117 -16.01 -7.14 1.19
C ARG B 117 -16.02 -7.14 1.18
N LEU B 118 -16.68 -7.31 2.32
CA LEU B 118 -17.50 -6.25 2.89
C LEU B 118 -17.24 -6.18 4.39
N GLU B 119 -16.91 -4.99 4.89
CA GLU B 119 -16.82 -4.80 6.33
C GLU B 119 -17.56 -3.54 6.73
N GLN B 120 -18.46 -3.68 7.70
CA GLN B 120 -19.39 -2.62 8.11
C GLN B 120 -18.65 -1.55 8.91
N PRO B 121 -18.88 -0.28 8.63
CA PRO B 121 -18.26 0.77 9.43
C PRO B 121 -18.84 0.78 10.83
N ASN B 122 -17.98 1.03 11.80
CA ASN B 122 -18.40 1.48 13.11
C ASN B 122 -18.46 2.99 13.08
N VAL B 123 -19.44 3.55 13.77
CA VAL B 123 -19.72 4.98 13.73
C VAL B 123 -19.91 5.45 15.15
N ALA B 124 -19.10 6.43 15.58
CA ALA B 124 -19.25 7.00 16.91
C ALA B 124 -18.95 8.48 16.86
N ILE B 125 -19.59 9.22 17.77
CA ILE B 125 -19.48 10.68 17.83
C ILE B 125 -18.77 11.06 19.11
N SER B 126 -17.78 11.94 18.99
CA SER B 126 -17.07 12.50 20.13
C SER B 126 -16.96 14.02 19.95
N LEU B 127 -16.88 14.72 21.08
CA LEU B 127 -16.57 16.14 21.16
C LEU B 127 -15.07 16.30 21.42
N SER B 128 -14.65 17.51 21.77
CA SER B 128 -13.27 17.73 22.20
C SER B 128 -13.11 19.08 22.92
N ASN B 137 -16.45 24.43 19.56
CA ASN B 137 -16.02 23.04 19.67
C ASN B 137 -16.20 22.30 18.35
N THR B 138 -15.64 21.09 18.27
CA THR B 138 -15.69 20.25 17.08
C THR B 138 -16.34 18.93 17.44
N LEU B 139 -17.44 18.60 16.77
CA LEU B 139 -18.01 17.26 16.83
C LEU B 139 -17.33 16.39 15.78
N VAL B 140 -16.82 15.23 16.21
CA VAL B 140 -16.11 14.33 15.32
C VAL B 140 -16.94 13.07 15.15
N CYS B 141 -17.34 12.80 13.92
CA CYS B 141 -17.93 11.53 13.58
C CYS B 141 -16.84 10.61 13.08
N SER B 142 -16.50 9.59 13.89
CA SER B 142 -15.44 8.64 13.59
C SER B 142 -16.07 7.45 12.88
N VAL B 143 -15.71 7.24 11.62
CA VAL B 143 -16.28 6.16 10.80
C VAL B 143 -15.13 5.20 10.52
N THR B 144 -15.12 4.04 11.20
CA THR B 144 -13.94 3.19 11.22
C THR B 144 -14.19 1.77 10.78
N ASP B 145 -13.13 1.15 10.26
CA ASP B 145 -13.04 -0.29 10.00
C ASP B 145 -13.97 -0.74 8.88
N PHE B 146 -14.06 0.03 7.80
CA PHE B 146 -14.94 -0.36 6.71
C PHE B 146 -14.14 -0.77 5.47
N TYR B 147 -14.80 -1.51 4.60
CA TYR B 147 -14.25 -1.99 3.33
C TYR B 147 -15.43 -2.38 2.44
N PRO B 148 -15.44 -1.97 1.16
CA PRO B 148 -14.40 -1.18 0.51
C PRO B 148 -14.46 0.33 0.78
N ALA B 149 -13.72 1.10 -0.02
CA ALA B 149 -13.52 2.51 0.27
C ALA B 149 -14.78 3.34 0.07
N LYS B 150 -15.69 2.92 -0.81
CA LYS B 150 -16.84 3.77 -1.14
C LYS B 150 -17.70 4.02 0.08
N ILE B 151 -17.81 5.28 0.50
CA ILE B 151 -18.63 5.63 1.66
C ILE B 151 -19.13 7.06 1.50
N LYS B 152 -20.26 7.34 2.15
CA LYS B 152 -20.84 8.68 2.20
C LYS B 152 -21.18 8.99 3.65
N VAL B 153 -20.56 10.02 4.20
CA VAL B 153 -20.78 10.46 5.58
C VAL B 153 -21.32 11.88 5.54
N ARG B 154 -22.42 12.14 6.25
CA ARG B 154 -22.93 13.50 6.34
C ARG B 154 -23.31 13.85 7.77
N TRP B 155 -23.03 15.10 8.15
CA TRP B 155 -23.47 15.67 9.41
C TRP B 155 -24.80 16.38 9.23
N PHE B 156 -25.71 16.17 10.18
CA PHE B 156 -26.98 16.87 10.25
C PHE B 156 -27.05 17.62 11.57
N ARG B 157 -27.41 18.89 11.50
CA ARG B 157 -27.68 19.70 12.69
C ARG B 157 -29.17 19.99 12.68
N ASN B 158 -29.87 19.41 13.67
CA ASN B 158 -31.32 19.37 13.74
C ASN B 158 -31.98 19.30 12.35
N GLY B 159 -31.75 18.19 11.64
CA GLY B 159 -32.46 17.89 10.43
C GLY B 159 -31.89 18.49 9.15
N GLN B 160 -30.99 19.47 9.25
CA GLN B 160 -30.44 20.12 8.06
C GLN B 160 -29.04 19.57 7.80
N GLU B 161 -28.82 19.04 6.60
CA GLU B 161 -27.48 18.60 6.22
C GLU B 161 -26.53 19.78 6.21
N GLU B 162 -25.44 19.66 6.94
CA GLU B 162 -24.47 20.73 7.07
C GLU B 162 -23.54 20.74 5.85
N THR B 163 -23.09 21.94 5.49
CA THR B 163 -22.11 22.09 4.44
C THR B 163 -20.90 22.84 4.96
N VAL B 164 -21.01 24.18 5.06
CA VAL B 164 -19.94 24.94 5.68
C VAL B 164 -19.82 24.52 7.13
N GLY B 165 -18.59 24.44 7.61
CA GLY B 165 -18.31 23.95 8.93
C GLY B 165 -17.95 22.48 8.99
N VAL B 166 -18.19 21.73 7.91
CA VAL B 166 -17.78 20.33 7.84
C VAL B 166 -16.40 20.24 7.22
N SER B 167 -15.54 19.45 7.84
CA SER B 167 -14.27 19.05 7.25
C SER B 167 -14.13 17.54 7.43
N SER B 168 -13.12 16.97 6.78
CA SER B 168 -12.98 15.53 6.77
C SER B 168 -11.51 15.20 6.58
N THR B 169 -11.02 14.20 7.32
CA THR B 169 -9.74 13.61 6.96
C THR B 169 -9.84 13.03 5.57
N GLN B 170 -8.69 12.88 4.92
CA GLN B 170 -8.63 11.96 3.79
C GLN B 170 -9.13 10.59 4.23
N LEU B 171 -9.53 9.79 3.25
CA LEU B 171 -9.80 8.39 3.54
C LEU B 171 -8.49 7.73 3.96
N ILE B 172 -8.47 7.17 5.16
CA ILE B 172 -7.24 6.66 5.76
C ILE B 172 -7.18 5.15 5.57
N ARG B 173 -6.13 4.68 4.93
CA ARG B 173 -5.91 3.25 4.70
C ARG B 173 -5.20 2.65 5.91
N ASN B 174 -5.88 1.76 6.62
CA ASN B 174 -5.29 1.17 7.82
C ASN B 174 -4.22 0.14 7.49
N GLY B 175 -4.14 -0.30 6.24
CA GLY B 175 -3.20 -1.29 5.79
C GLY B 175 -3.60 -2.72 6.05
N ASP B 176 -4.72 -2.93 6.74
CA ASP B 176 -5.21 -4.25 7.10
C ASP B 176 -6.53 -4.54 6.37
N TRP B 177 -6.69 -3.93 5.20
CA TRP B 177 -7.89 -4.04 4.37
C TRP B 177 -9.13 -3.46 5.07
N THR B 178 -8.91 -2.44 5.90
CA THR B 178 -10.00 -1.57 6.33
C THR B 178 -9.57 -0.13 6.16
N PHE B 179 -10.58 0.74 6.14
CA PHE B 179 -10.41 2.18 6.05
C PHE B 179 -11.01 2.84 7.28
N GLN B 180 -10.66 4.11 7.46
CA GLN B 180 -11.37 4.97 8.38
C GLN B 180 -11.40 6.39 7.82
N VAL B 181 -12.42 7.13 8.24
CA VAL B 181 -12.48 8.56 7.95
C VAL B 181 -13.11 9.26 9.15
N LEU B 182 -12.57 10.41 9.50
CA LEU B 182 -13.07 11.21 10.59
C LEU B 182 -13.64 12.48 9.99
N VAL B 183 -14.90 12.76 10.30
CA VAL B 183 -15.66 13.83 9.67
C VAL B 183 -16.10 14.79 10.76
N MET B 184 -15.62 16.04 10.67
CA MET B 184 -15.74 16.99 11.76
C MET B 184 -16.75 18.08 11.44
N LEU B 185 -17.49 18.50 12.45
CA LEU B 185 -18.43 19.61 12.34
C LEU B 185 -18.04 20.67 13.36
N GLU B 186 -17.68 21.85 12.88
CA GLU B 186 -17.55 23.01 13.75
C GLU B 186 -18.93 23.41 14.28
N MET B 187 -19.06 23.55 15.59
CA MET B 187 -20.34 23.84 16.20
C MET B 187 -20.11 24.47 17.57
N THR B 188 -21.20 24.83 18.23
CA THR B 188 -21.16 25.31 19.60
C THR B 188 -22.34 24.65 20.30
N PRO B 189 -22.11 23.99 21.43
CA PRO B 189 -23.20 23.29 22.11
C PRO B 189 -24.25 24.26 22.65
N HIS B 190 -25.51 23.85 22.55
CA HIS B 190 -26.64 24.60 23.07
C HIS B 190 -27.67 23.60 23.58
N GLN B 191 -28.32 23.95 24.69
CA GLN B 191 -29.12 23.04 25.51
C GLN B 191 -30.05 22.10 24.74
N GLY B 192 -30.57 22.52 23.59
CA GLY B 192 -31.65 21.75 22.99
C GLY B 192 -31.42 21.10 21.63
N GLU B 193 -30.24 21.28 21.03
CA GLU B 193 -30.05 20.87 19.65
C GLU B 193 -29.62 19.41 19.55
N VAL B 194 -30.06 18.76 18.48
CA VAL B 194 -29.65 17.41 18.15
C VAL B 194 -28.74 17.45 16.92
N TYR B 195 -27.73 16.58 16.91
CA TYR B 195 -26.82 16.42 15.79
C TYR B 195 -26.76 14.93 15.47
N THR B 196 -26.68 14.58 14.18
CA THR B 196 -26.65 13.19 13.76
C THR B 196 -25.60 13.02 12.67
N CYS B 197 -24.75 11.99 12.72
CA CYS B 197 -24.00 11.68 11.50
C CYS B 197 -24.64 10.47 10.84
N HIS B 198 -24.83 10.60 9.54
CA HIS B 198 -25.47 9.63 8.67
C HIS B 198 -24.37 8.99 7.83
N VAL B 199 -24.36 7.66 7.78
CA VAL B 199 -23.34 6.93 7.03
C VAL B 199 -24.00 5.91 6.12
N GLU B 200 -23.68 5.97 4.84
CA GLU B 200 -24.11 4.97 3.86
C GLU B 200 -22.87 4.26 3.34
N HIS B 201 -22.95 2.92 3.25
CA HIS B 201 -21.84 2.09 2.82
C HIS B 201 -22.44 0.83 2.22
N PRO B 202 -21.83 0.28 1.16
CA PRO B 202 -22.43 -0.91 0.52
C PRO B 202 -22.63 -2.10 1.45
N SER B 203 -21.96 -2.13 2.61
CA SER B 203 -22.08 -3.27 3.51
C SER B 203 -23.34 -3.20 4.38
N LEU B 204 -24.01 -2.06 4.46
CA LEU B 204 -25.07 -1.83 5.42
C LEU B 204 -26.42 -2.22 4.83
N LYS B 205 -27.20 -3.02 5.57
CA LYS B 205 -28.59 -3.23 5.20
C LYS B 205 -29.33 -1.90 5.13
N SER B 206 -29.18 -1.08 6.18
CA SER B 206 -29.77 0.24 6.22
C SER B 206 -28.71 1.26 6.62
N PRO B 207 -28.85 2.52 6.20
CA PRO B 207 -27.87 3.54 6.61
C PRO B 207 -27.79 3.65 8.12
N ILE B 208 -26.62 4.03 8.60
CA ILE B 208 -26.39 4.18 10.04
C ILE B 208 -26.61 5.65 10.40
N THR B 209 -27.40 5.89 11.47
CA THR B 209 -27.49 7.21 12.08
C THR B 209 -27.06 7.10 13.53
N VAL B 210 -26.23 8.03 13.98
CA VAL B 210 -25.87 8.14 15.38
C VAL B 210 -26.18 9.56 15.80
N GLU B 211 -27.02 9.70 16.83
CA GLU B 211 -27.39 11.01 17.32
C GLU B 211 -26.44 11.45 18.43
N TRP B 212 -26.25 12.76 18.55
CA TRP B 212 -25.51 13.37 19.64
C TRP B 212 -26.29 14.59 20.14
N ARG B 213 -26.36 14.75 21.46
CA ARG B 213 -27.10 15.88 22.05
C ARG B 213 -26.27 16.68 23.06
C1 EDO C . 27.92 -4.36 -16.32
O1 EDO C . 27.03 -4.81 -15.29
C2 EDO C . 27.17 -3.68 -17.46
O2 EDO C . 26.87 -4.60 -18.52
#